data_3FWV
#
_entry.id   3FWV
#
_cell.length_a   37.604
_cell.length_b   66.599
_cell.length_c   48.622
_cell.angle_alpha   90.000
_cell.angle_beta   107.210
_cell.angle_gamma   90.000
#
_symmetry.space_group_name_H-M   'P 1 21 1'
#
loop_
_entity.id
_entity.type
_entity.pdbx_description
1 polymer 'Hsc70/Hsp90-organizing protein'
2 polymer 'Heat shock protein HSP 90-beta'
3 non-polymer 'NICKEL (II) ION'
4 water water
#
loop_
_entity_poly.entity_id
_entity_poly.type
_entity_poly.pdbx_seq_one_letter_code
_entity_poly.pdbx_strand_id
1 'polypeptide(L)'
;SKQALKEKELGNDAYKKKDFDTALKHYDKAKELDPTNMTYIVNQAAVYFEKGDYNKCRELCEKAIEVGRENREDYRMIAY
AYARIGNSYFKEEKYKDAIHFYNKSLAEHRTPKVLKKCQQAEKILKEQ
;
A,B
2 'polypeptide(L)' (ACE)MEEVF C,D
#
loop_
_chem_comp.id
_chem_comp.type
_chem_comp.name
_chem_comp.formula
ACE non-polymer 'ACETYL GROUP' 'C2 H4 O'
NI non-polymer 'NICKEL (II) ION' 'Ni 2'
#
# COMPACT_ATOMS: atom_id res chain seq x y z
N SER A 1 15.84 8.31 22.70
CA SER A 1 15.73 7.49 21.44
C SER A 1 16.80 6.40 21.36
N LYS A 2 17.43 6.15 22.52
CA LYS A 2 17.93 4.82 22.82
C LYS A 2 16.69 3.98 23.15
N GLN A 3 15.60 4.70 23.36
CA GLN A 3 14.29 4.10 23.60
C GLN A 3 13.77 3.43 22.32
N ALA A 4 13.84 4.17 21.21
CA ALA A 4 13.38 3.66 19.91
C ALA A 4 14.23 2.48 19.46
N LEU A 5 15.53 2.58 19.67
CA LEU A 5 16.41 1.45 19.37
C LEU A 5 15.97 0.21 20.16
N LYS A 6 15.71 0.40 21.45
CA LYS A 6 15.31 -0.73 22.32
C LYS A 6 13.99 -1.35 21.87
N GLU A 7 13.04 -0.51 21.45
CA GLU A 7 11.75 -0.99 20.96
C GLU A 7 11.97 -1.80 19.69
N LYS A 8 12.85 -1.29 18.84
CA LYS A 8 13.15 -1.95 17.57
C LYS A 8 13.72 -3.33 17.80
N GLU A 9 14.66 -3.42 18.73
CA GLU A 9 15.34 -4.69 19.00
C GLU A 9 14.45 -5.73 19.66
N LEU A 10 13.55 -5.28 20.54
CA LEU A 10 12.51 -6.18 21.06
C LEU A 10 11.65 -6.66 19.90
N GLY A 11 11.36 -5.74 19.00
CA GLY A 11 10.59 -6.07 17.81
C GLY A 11 11.27 -7.15 17.00
N ASN A 12 12.58 -6.98 16.77
CA ASN A 12 13.37 -7.90 15.90
C ASN A 12 13.48 -9.30 16.49
N ASP A 13 13.81 -9.32 17.76
CA ASP A 13 13.92 -10.55 18.53
C ASP A 13 12.61 -11.34 18.50
N ALA A 14 11.49 -10.62 18.53
CA ALA A 14 10.18 -11.26 18.53
C ALA A 14 9.90 -11.81 17.15
N TYR A 15 10.02 -10.93 16.18
CA TYR A 15 9.95 -11.35 14.78
C TYR A 15 10.67 -12.69 14.59
N LYS A 16 11.92 -12.75 15.06
CA LYS A 16 12.76 -13.96 14.86
C LYS A 16 12.24 -15.25 15.52
N LYS A 17 11.42 -15.10 16.54
CA LYS A 17 10.70 -16.21 17.18
C LYS A 17 9.36 -16.48 16.51
N LYS A 18 9.07 -15.76 15.44
CA LYS A 18 7.78 -15.88 14.80
C LYS A 18 6.66 -15.46 15.75
N ASP A 19 7.01 -14.49 16.60
CA ASP A 19 6.07 -13.83 17.51
C ASP A 19 5.66 -12.53 16.87
N PHE A 20 4.83 -12.65 15.85
CA PHE A 20 4.66 -11.59 14.85
C PHE A 20 3.90 -10.35 15.30
N ASP A 21 2.81 -10.53 16.04
CA ASP A 21 2.00 -9.39 16.48
C ASP A 21 2.75 -8.57 17.56
N THR A 22 3.56 -9.28 18.33
CA THR A 22 4.42 -8.65 19.33
C THR A 22 5.48 -7.79 18.65
N ALA A 23 6.05 -8.31 17.57
CA ALA A 23 7.06 -7.53 16.82
C ALA A 23 6.42 -6.25 16.29
N LEU A 24 5.19 -6.41 15.80
CA LEU A 24 4.46 -5.34 15.10
C LEU A 24 4.18 -4.19 16.03
N LYS A 25 3.71 -4.57 17.20
CA LYS A 25 3.46 -3.65 18.30
C LYS A 25 4.74 -2.89 18.72
N HIS A 26 5.89 -3.56 18.76
CA HIS A 26 7.08 -2.85 19.20
C HIS A 26 7.63 -1.99 18.10
N TYR A 27 7.45 -2.44 16.86
CA TYR A 27 7.82 -1.61 15.70
C TYR A 27 6.96 -0.35 15.70
N ASP A 28 5.71 -0.50 16.14
CA ASP A 28 4.81 0.65 16.24
C ASP A 28 5.27 1.63 17.31
N LYS A 29 5.75 1.10 18.43
CA LYS A 29 6.27 1.93 19.51
C LYS A 29 7.48 2.67 18.97
N ALA A 30 8.28 1.94 18.23
CA ALA A 30 9.47 2.52 17.60
C ALA A 30 9.08 3.69 16.71
N LYS A 31 8.12 3.49 15.81
CA LYS A 31 7.76 4.53 14.85
C LYS A 31 7.30 5.77 15.58
N GLU A 32 6.57 5.56 16.68
CA GLU A 32 5.96 6.68 17.42
C GLU A 32 7.04 7.60 17.94
N LEU A 33 8.11 6.98 18.42
CA LEU A 33 9.19 7.70 19.08
C LEU A 33 10.12 8.35 18.06
N ASP A 34 10.02 7.86 16.82
CA ASP A 34 11.02 8.16 15.81
C ASP A 34 10.48 7.96 14.40
N PRO A 35 9.54 8.81 13.96
CA PRO A 35 8.77 8.52 12.76
C PRO A 35 9.45 8.88 11.45
N THR A 36 10.65 9.45 11.49
CA THR A 36 11.32 9.75 10.23
C THR A 36 12.15 8.57 9.75
N ASN A 37 12.11 7.48 10.52
CA ASN A 37 13.01 6.34 10.28
C ASN A 37 12.28 5.17 9.59
N MET A 38 12.61 4.94 8.34
CA MET A 38 11.92 3.94 7.51
C MET A 38 12.13 2.53 8.04
N THR A 39 13.15 2.37 8.88
CA THR A 39 13.62 1.03 9.23
C THR A 39 12.50 0.20 9.83
N TYR A 40 11.65 0.86 10.61
CA TYR A 40 10.63 0.17 11.41
C TYR A 40 9.55 -0.37 10.51
N ILE A 41 9.35 0.38 9.43
CA ILE A 41 8.31 0.09 8.45
C ILE A 41 8.74 -1.06 7.55
N VAL A 42 10.00 -1.09 7.11
CA VAL A 42 10.50 -2.23 6.31
C VAL A 42 10.54 -3.50 7.13
N ASN A 43 10.87 -3.36 8.43
CA ASN A 43 10.88 -4.53 9.32
C ASN A 43 9.46 -5.07 9.47
N GLN A 44 8.50 -4.16 9.55
CA GLN A 44 7.09 -4.57 9.61
C GLN A 44 6.72 -5.33 8.35
N ALA A 45 7.32 -4.91 7.24
CA ALA A 45 7.08 -5.54 5.95
C ALA A 45 7.60 -6.96 5.97
N ALA A 46 8.67 -7.16 6.74
CA ALA A 46 9.27 -8.50 6.91
C ALA A 46 8.27 -9.39 7.61
N VAL A 47 7.65 -8.81 8.62
CA VAL A 47 6.67 -9.52 9.40
C VAL A 47 5.56 -10.03 8.51
N TYR A 48 4.94 -9.12 7.77
CA TYR A 48 3.81 -9.52 6.92
C TYR A 48 4.22 -10.53 5.87
N PHE A 49 5.45 -10.37 5.38
CA PHE A 49 6.03 -11.32 4.42
C PHE A 49 5.98 -12.72 5.01
N GLU A 50 6.43 -12.83 6.24
CA GLU A 50 6.50 -14.14 6.90
C GLU A 50 5.12 -14.62 7.32
N LYS A 51 4.22 -13.71 7.64
CA LYS A 51 2.86 -14.11 8.02
C LYS A 51 2.27 -14.71 6.76
N GLY A 52 2.94 -14.44 5.65
CA GLY A 52 2.48 -14.81 4.31
C GLY A 52 1.49 -13.87 3.64
N ASP A 53 1.40 -12.63 4.14
CA ASP A 53 0.50 -11.63 3.54
C ASP A 53 1.31 -10.76 2.61
N TYR A 54 1.47 -11.24 1.39
CA TYR A 54 2.39 -10.62 0.43
C TYR A 54 1.93 -9.24 0.03
N ASN A 55 0.63 -9.05 -0.11
CA ASN A 55 0.06 -7.74 -0.46
C ASN A 55 0.38 -6.66 0.56
N LYS A 56 0.12 -6.98 1.81
CA LYS A 56 0.37 -6.04 2.89
C LYS A 56 1.86 -5.75 2.97
N CYS A 57 2.66 -6.77 2.64
CA CYS A 57 4.11 -6.64 2.69
C CYS A 57 4.57 -5.61 1.67
N ARG A 58 4.03 -5.69 0.47
CA ARG A 58 4.44 -4.77 -0.60
C ARG A 58 4.01 -3.38 -0.23
N GLU A 59 2.80 -3.26 0.30
CA GLU A 59 2.30 -1.96 0.72
C GLU A 59 3.30 -1.32 1.68
N LEU A 60 3.79 -2.08 2.66
CA LEU A 60 4.65 -1.48 3.68
C LEU A 60 6.02 -1.15 3.11
N CYS A 61 6.43 -1.95 2.13
CA CYS A 61 7.67 -1.69 1.43
C CYS A 61 7.56 -0.33 0.73
N GLU A 62 6.43 -0.16 0.08
CA GLU A 62 6.16 1.04 -0.69
C GLU A 62 6.14 2.25 0.23
N LYS A 63 5.44 2.11 1.35
CA LYS A 63 5.42 3.13 2.40
C LYS A 63 6.82 3.42 2.95
N ALA A 64 7.59 2.36 3.20
CA ALA A 64 8.95 2.49 3.71
C ALA A 64 9.85 3.23 2.72
N ILE A 65 9.64 3.00 1.43
CA ILE A 65 10.40 3.67 0.40
C ILE A 65 10.08 5.15 0.36
N GLU A 66 8.80 5.49 0.42
CA GLU A 66 8.35 6.88 0.52
C GLU A 66 9.05 7.57 1.70
N VAL A 67 8.86 7.02 2.87
CA VAL A 67 9.45 7.56 4.10
C VAL A 67 10.95 7.77 4.00
N GLY A 68 11.65 6.81 3.40
CA GLY A 68 13.11 6.85 3.34
C GLY A 68 13.60 7.97 2.42
N ARG A 69 12.89 8.11 1.30
CA ARG A 69 13.21 9.12 0.32
C ARG A 69 12.95 10.50 0.90
N GLU A 70 11.81 10.60 1.58
CA GLU A 70 11.35 11.88 2.10
C GLU A 70 12.36 12.35 3.13
N ASN A 71 12.91 11.40 3.86
CA ASN A 71 13.83 11.71 4.96
C ASN A 71 15.26 11.42 4.64
N ARG A 72 15.52 11.13 3.37
CA ARG A 72 16.88 10.99 2.88
C ARG A 72 17.66 9.91 3.62
N GLU A 73 17.06 8.73 3.63
CA GLU A 73 17.69 7.53 4.19
C GLU A 73 18.72 6.93 3.24
N ASP A 74 19.54 6.06 3.81
CA ASP A 74 20.48 5.23 3.05
C ASP A 74 19.75 4.61 1.87
N TYR A 75 20.36 4.77 0.70
CA TYR A 75 19.92 4.13 -0.55
C TYR A 75 19.85 2.62 -0.44
N ARG A 76 20.81 2.08 0.30
CA ARG A 76 20.83 0.65 0.56
C ARG A 76 19.45 0.19 1.07
N MET A 77 18.92 0.90 2.06
CA MET A 77 17.63 0.54 2.69
C MET A 77 16.47 0.63 1.71
N ILE A 78 16.51 1.64 0.86
CA ILE A 78 15.48 1.78 -0.17
C ILE A 78 15.57 0.55 -1.09
N ALA A 79 16.80 0.15 -1.41
CA ALA A 79 17.07 -1.02 -2.23
C ALA A 79 16.56 -2.32 -1.58
N TYR A 80 16.69 -2.42 -0.26
CA TYR A 80 16.21 -3.62 0.46
C TYR A 80 14.70 -3.78 0.36
N ALA A 81 14.05 -2.66 0.56
CA ALA A 81 12.59 -2.53 0.37
C ALA A 81 12.13 -3.00 -1.02
N TYR A 82 12.79 -2.50 -2.04
CA TYR A 82 12.46 -2.91 -3.42
C TYR A 82 12.70 -4.41 -3.63
N ALA A 83 13.80 -4.90 -3.06
CA ALA A 83 14.18 -6.30 -3.19
C ALA A 83 13.21 -7.19 -2.45
N ARG A 84 12.73 -6.70 -1.31
CA ARG A 84 11.69 -7.40 -0.57
C ARG A 84 10.40 -7.56 -1.36
N ILE A 85 10.03 -6.51 -2.11
CA ILE A 85 8.85 -6.57 -2.98
C ILE A 85 9.15 -7.65 -4.00
N GLY A 86 10.36 -7.62 -4.54
CA GLY A 86 10.77 -8.62 -5.52
C GLY A 86 10.62 -10.00 -4.92
N ASN A 87 11.09 -10.16 -3.70
CA ASN A 87 10.99 -11.46 -3.00
C ASN A 87 9.55 -11.94 -2.85
N SER A 88 8.64 -11.01 -2.55
CA SER A 88 7.23 -11.38 -2.38
C SER A 88 6.66 -11.98 -3.67
N TYR A 89 7.06 -11.40 -4.79
CA TYR A 89 6.64 -11.89 -6.12
C TYR A 89 7.28 -13.23 -6.43
N PHE A 90 8.55 -13.36 -6.07
CA PHE A 90 9.30 -14.61 -6.21
C PHE A 90 8.56 -15.72 -5.46
N LYS A 91 8.19 -15.44 -4.22
CA LYS A 91 7.36 -16.38 -3.45
C LYS A 91 6.11 -16.78 -4.22
N GLU A 92 5.51 -15.84 -4.93
CA GLU A 92 4.26 -16.12 -5.69
C GLU A 92 4.47 -16.70 -7.09
N GLU A 93 5.71 -17.02 -7.41
CA GLU A 93 6.13 -17.43 -8.77
C GLU A 93 5.64 -16.48 -9.85
N LYS A 94 5.71 -15.19 -9.55
CA LYS A 94 5.50 -14.17 -10.57
C LYS A 94 6.85 -13.52 -10.83
N TYR A 95 7.63 -14.24 -11.65
CA TYR A 95 9.05 -13.96 -11.80
C TYR A 95 9.37 -12.70 -12.59
N LYS A 96 8.53 -12.36 -13.58
CA LYS A 96 8.74 -11.12 -14.32
C LYS A 96 8.60 -9.97 -13.33
N ASP A 97 7.63 -10.09 -12.45
CA ASP A 97 7.38 -9.05 -11.46
C ASP A 97 8.52 -9.01 -10.45
N ALA A 98 8.96 -10.19 -10.04
CA ALA A 98 10.08 -10.25 -9.10
C ALA A 98 11.29 -9.53 -9.70
N ILE A 99 11.65 -9.92 -10.91
CA ILE A 99 12.83 -9.38 -11.59
C ILE A 99 12.76 -7.85 -11.75
N HIS A 100 11.58 -7.37 -12.13
CA HIS A 100 11.38 -5.92 -12.30
C HIS A 100 11.72 -5.17 -11.02
N PHE A 101 11.30 -5.71 -9.89
CA PHE A 101 11.51 -5.07 -8.60
C PHE A 101 12.95 -5.26 -8.07
N TYR A 102 13.60 -6.32 -8.49
CA TYR A 102 15.01 -6.49 -8.18
C TYR A 102 15.78 -5.42 -8.95
N ASN A 103 15.37 -5.19 -10.17
CA ASN A 103 16.00 -4.16 -10.99
C ASN A 103 15.90 -2.78 -10.37
N LYS A 104 14.72 -2.47 -9.84
CA LYS A 104 14.49 -1.23 -9.12
C LYS A 104 15.44 -1.17 -7.93
N SER A 105 15.54 -2.29 -7.26
CA SER A 105 16.41 -2.40 -6.10
C SER A 105 17.83 -2.09 -6.52
N LEU A 106 18.24 -2.70 -7.62
CA LEU A 106 19.62 -2.59 -8.15
C LEU A 106 19.94 -1.17 -8.63
N ALA A 107 18.92 -0.47 -9.08
CA ALA A 107 19.05 0.91 -9.56
C ALA A 107 19.29 1.88 -8.40
N GLU A 108 18.73 1.55 -7.24
CA GLU A 108 18.91 2.37 -6.02
C GLU A 108 20.28 2.17 -5.42
N HIS A 109 20.57 0.92 -5.13
CA HIS A 109 21.89 0.51 -4.66
C HIS A 109 22.17 -0.94 -5.00
N ARG A 110 23.10 -1.10 -5.91
CA ARG A 110 23.48 -2.41 -6.40
C ARG A 110 24.15 -3.23 -5.32
N THR A 111 23.52 -4.35 -4.99
CA THR A 111 24.09 -5.31 -4.05
C THR A 111 24.14 -6.71 -4.67
N PRO A 112 25.21 -7.44 -4.38
CA PRO A 112 25.39 -8.78 -4.92
C PRO A 112 24.23 -9.72 -4.55
N LYS A 113 23.79 -9.65 -3.32
CA LYS A 113 22.68 -10.51 -2.85
C LYS A 113 21.50 -10.42 -3.80
N VAL A 114 21.19 -9.20 -4.19
CA VAL A 114 19.94 -8.95 -4.91
C VAL A 114 20.13 -9.38 -6.34
N LEU A 115 21.35 -9.15 -6.80
CA LEU A 115 21.76 -9.51 -8.15
C LEU A 115 21.62 -11.01 -8.32
N LYS A 116 22.25 -11.74 -7.41
CA LYS A 116 22.19 -13.20 -7.43
C LYS A 116 20.74 -13.69 -7.44
N LYS A 117 19.96 -13.18 -6.49
CA LYS A 117 18.53 -13.53 -6.38
C LYS A 117 17.77 -13.22 -7.65
N CYS A 118 18.12 -12.11 -8.29
CA CYS A 118 17.48 -11.71 -9.53
C CYS A 118 17.81 -12.71 -10.61
N GLN A 119 19.07 -13.09 -10.67
CA GLN A 119 19.53 -14.05 -11.68
C GLN A 119 18.92 -15.44 -11.53
N GLN A 120 18.64 -15.86 -10.30
CA GLN A 120 17.99 -17.16 -10.10
C GLN A 120 16.51 -17.08 -10.52
N ALA A 121 15.95 -15.88 -10.39
CA ALA A 121 14.59 -15.58 -10.86
C ALA A 121 14.56 -15.64 -12.38
N GLU A 122 15.63 -15.10 -12.99
CA GLU A 122 15.81 -15.16 -14.45
C GLU A 122 15.86 -16.60 -14.95
N LYS A 123 16.59 -17.44 -14.22
CA LYS A 123 16.74 -18.86 -14.57
C LYS A 123 15.42 -19.59 -14.52
N ILE A 124 14.67 -19.40 -13.44
CA ILE A 124 13.38 -20.06 -13.31
C ILE A 124 12.48 -19.65 -14.45
N LEU A 125 12.48 -18.36 -14.74
CA LEU A 125 11.68 -17.81 -15.84
C LEU A 125 12.07 -18.45 -17.17
N LYS A 126 13.37 -18.59 -17.37
CA LYS A 126 13.91 -19.10 -18.63
C LYS A 126 13.61 -20.59 -18.80
N GLU A 127 13.83 -21.37 -17.73
CA GLU A 127 13.72 -22.83 -17.82
C GLU A 127 12.34 -23.44 -17.52
N GLN A 128 11.27 -22.70 -17.80
CA GLN A 128 9.97 -23.31 -18.13
C GLN A 128 9.04 -22.27 -18.72
N SER B 1 -15.36 -13.16 7.96
CA SER B 1 -15.05 -11.70 7.98
C SER B 1 -16.33 -10.86 8.18
N LYS B 2 -17.01 -11.18 9.28
CA LYS B 2 -17.94 -10.25 9.90
C LYS B 2 -17.12 -9.63 11.01
N GLN B 3 -16.03 -10.29 11.33
CA GLN B 3 -14.99 -9.71 12.17
C GLN B 3 -14.41 -8.63 11.32
N ALA B 4 -14.35 -8.93 10.03
CA ALA B 4 -13.76 -8.01 9.06
C ALA B 4 -14.61 -6.75 8.99
N LEU B 5 -15.91 -6.97 8.92
CA LEU B 5 -16.84 -5.85 8.81
C LEU B 5 -16.76 -4.99 10.09
N LYS B 6 -16.64 -5.65 11.24
CA LYS B 6 -16.38 -4.95 12.50
C LYS B 6 -15.12 -4.09 12.40
N GLU B 7 -14.05 -4.67 11.92
CA GLU B 7 -12.79 -3.93 11.82
C GLU B 7 -12.99 -2.73 10.92
N LYS B 8 -13.85 -2.90 9.94
CA LYS B 8 -14.06 -1.89 8.89
C LYS B 8 -14.83 -0.71 9.43
N GLU B 9 -15.86 -1.04 10.19
CA GLU B 9 -16.68 -0.03 10.86
C GLU B 9 -15.82 0.86 11.73
N LEU B 10 -15.00 0.21 12.54
CA LEU B 10 -14.06 0.92 13.43
C LEU B 10 -13.26 1.88 12.57
N GLY B 11 -12.74 1.37 11.47
CA GLY B 11 -11.95 2.18 10.56
C GLY B 11 -12.73 3.34 10.01
N ASN B 12 -13.95 3.05 9.56
CA ASN B 12 -14.83 4.09 8.98
C ASN B 12 -15.15 5.21 9.96
N ASP B 13 -15.44 4.86 11.20
CA ASP B 13 -15.72 5.89 12.20
C ASP B 13 -14.48 6.71 12.54
N ALA B 14 -13.33 6.06 12.63
CA ALA B 14 -12.06 6.77 12.94
C ALA B 14 -11.75 7.78 11.85
N TYR B 15 -11.88 7.33 10.62
CA TYR B 15 -11.74 8.20 9.45
C TYR B 15 -12.65 9.43 9.59
N LYS B 16 -13.89 9.19 9.95
CA LYS B 16 -14.89 10.26 9.98
C LYS B 16 -14.50 11.28 11.04
N LYS B 17 -13.85 10.81 12.10
CA LYS B 17 -13.44 11.72 13.18
C LYS B 17 -12.07 12.31 12.89
N LYS B 18 -11.57 11.99 11.71
CA LYS B 18 -10.23 12.41 11.27
C LYS B 18 -9.16 11.84 12.18
N ASP B 19 -9.41 10.61 12.57
CA ASP B 19 -8.48 9.80 13.39
C ASP B 19 -7.83 8.84 12.41
N PHE B 20 -6.92 9.40 11.65
CA PHE B 20 -6.49 8.81 10.37
C PHE B 20 -5.59 7.59 10.51
N ASP B 21 -4.63 7.66 11.43
CA ASP B 21 -3.74 6.52 11.64
C ASP B 21 -4.48 5.32 12.23
N THR B 22 -5.42 5.60 13.12
CA THR B 22 -6.31 4.57 13.67
C THR B 22 -7.14 3.92 12.57
N ALA B 23 -7.69 4.77 11.72
CA ALA B 23 -8.43 4.31 10.53
C ALA B 23 -7.59 3.34 9.71
N LEU B 24 -6.40 3.78 9.34
CA LEU B 24 -5.49 3.00 8.49
C LEU B 24 -5.27 1.59 9.10
N LYS B 25 -5.03 1.59 10.40
CA LYS B 25 -4.66 0.36 11.14
C LYS B 25 -5.80 -0.66 11.16
N HIS B 26 -7.00 -0.21 11.48
CA HIS B 26 -8.15 -1.11 11.56
C HIS B 26 -8.58 -1.57 10.17
N TYR B 27 -8.25 -0.78 9.16
CA TYR B 27 -8.45 -1.19 7.76
C TYR B 27 -7.51 -2.35 7.41
N ASP B 28 -6.27 -2.24 7.86
CA ASP B 28 -5.30 -3.33 7.69
C ASP B 28 -5.82 -4.60 8.36
N LYS B 29 -6.36 -4.46 9.56
CA LYS B 29 -6.88 -5.61 10.31
C LYS B 29 -7.99 -6.29 9.51
N ALA B 30 -8.81 -5.47 8.86
CA ALA B 30 -9.95 -6.01 8.10
C ALA B 30 -9.40 -6.76 6.89
N LYS B 31 -8.30 -6.21 6.36
CA LYS B 31 -7.61 -6.78 5.19
C LYS B 31 -6.96 -8.11 5.55
N GLU B 32 -6.25 -8.15 6.65
CA GLU B 32 -5.67 -9.42 7.09
C GLU B 32 -6.77 -10.50 7.15
N LEU B 33 -7.95 -10.10 7.56
CA LEU B 33 -9.02 -11.08 7.82
C LEU B 33 -9.69 -11.48 6.54
N ASP B 34 -9.66 -10.55 5.59
CA ASP B 34 -10.50 -10.62 4.39
C ASP B 34 -9.79 -10.00 3.19
N PRO B 35 -8.66 -10.59 2.76
CA PRO B 35 -7.71 -10.00 1.82
C PRO B 35 -8.15 -9.87 0.36
N THR B 36 -9.11 -10.67 -0.10
CA THR B 36 -9.55 -10.52 -1.47
C THR B 36 -10.52 -9.33 -1.59
N ASN B 37 -10.80 -8.68 -0.48
CA ASN B 37 -11.77 -7.58 -0.47
C ASN B 37 -11.14 -6.18 -0.54
N MET B 38 -11.28 -5.56 -1.72
CA MET B 38 -10.53 -4.36 -2.09
C MET B 38 -11.08 -3.08 -1.46
N THR B 39 -12.23 -3.22 -0.83
CA THR B 39 -12.89 -2.11 -0.11
C THR B 39 -11.99 -1.40 0.88
N TYR B 40 -11.23 -2.19 1.62
CA TYR B 40 -10.39 -1.68 2.70
C TYR B 40 -9.34 -0.72 2.16
N ILE B 41 -8.77 -1.08 1.01
CA ILE B 41 -7.69 -0.28 0.39
C ILE B 41 -8.27 0.96 -0.26
N VAL B 42 -9.46 0.84 -0.81
CA VAL B 42 -10.15 2.03 -1.35
C VAL B 42 -10.44 3.03 -0.22
N ASN B 43 -10.89 2.53 0.92
CA ASN B 43 -11.09 3.37 2.10
C ASN B 43 -9.80 4.00 2.64
N GLN B 44 -8.70 3.25 2.59
CA GLN B 44 -7.39 3.82 2.97
C GLN B 44 -6.99 4.91 2.00
N ALA B 45 -7.41 4.76 0.75
CA ALA B 45 -7.18 5.78 -0.26
C ALA B 45 -7.91 7.05 0.15
N ALA B 46 -9.07 6.88 0.77
CA ALA B 46 -9.86 8.07 1.21
C ALA B 46 -9.14 8.79 2.33
N VAL B 47 -8.53 8.02 3.22
CA VAL B 47 -7.74 8.61 4.29
C VAL B 47 -6.64 9.51 3.70
N TYR B 48 -5.87 8.96 2.76
CA TYR B 48 -4.75 9.72 2.19
C TYR B 48 -5.25 10.91 1.39
N PHE B 49 -6.38 10.73 0.73
CA PHE B 49 -7.04 11.86 0.06
C PHE B 49 -7.31 12.97 1.09
N GLU B 50 -7.95 12.60 2.20
CA GLU B 50 -8.31 13.60 3.20
C GLU B 50 -7.06 14.20 3.82
N LYS B 51 -5.99 13.42 3.99
CA LYS B 51 -4.74 14.01 4.51
C LYS B 51 -4.07 14.91 3.48
N GLY B 52 -4.63 14.99 2.28
CA GLY B 52 -4.02 15.81 1.22
C GLY B 52 -2.94 15.14 0.39
N ASP B 53 -2.77 13.84 0.57
CA ASP B 53 -1.78 13.08 -0.22
C ASP B 53 -2.44 12.37 -1.39
N TYR B 54 -2.67 13.13 -2.45
CA TYR B 54 -3.47 12.68 -3.59
C TYR B 54 -2.70 11.66 -4.34
N ASN B 55 -1.38 11.82 -4.30
CA ASN B 55 -0.52 10.90 -4.99
C ASN B 55 -0.63 9.49 -4.45
N LYS B 56 -0.47 9.40 -3.14
CA LYS B 56 -0.57 8.14 -2.40
C LYS B 56 -1.97 7.56 -2.52
N CYS B 57 -2.96 8.45 -2.49
CA CYS B 57 -4.36 8.05 -2.68
C CYS B 57 -4.49 7.29 -3.98
N ARG B 58 -3.90 7.81 -5.05
CA ARG B 58 -4.04 7.20 -6.37
C ARG B 58 -3.28 5.90 -6.45
N GLU B 59 -2.11 5.90 -5.84
CA GLU B 59 -1.28 4.69 -5.81
C GLU B 59 -2.07 3.55 -5.18
N LEU B 60 -2.77 3.85 -4.09
CA LEU B 60 -3.54 2.82 -3.36
C LEU B 60 -4.78 2.36 -4.16
N CYS B 61 -5.35 3.29 -4.91
CA CYS B 61 -6.48 2.96 -5.81
C CYS B 61 -6.04 1.98 -6.90
N GLU B 62 -4.85 2.21 -7.43
CA GLU B 62 -4.32 1.36 -8.50
C GLU B 62 -4.04 -0.03 -7.93
N LYS B 63 -3.51 -0.06 -6.72
CA LYS B 63 -3.26 -1.33 -6.07
C LYS B 63 -4.59 -2.04 -5.92
N ALA B 64 -5.59 -1.30 -5.48
CA ALA B 64 -6.88 -1.93 -5.14
C ALA B 64 -7.48 -2.52 -6.41
N ILE B 65 -7.12 -1.93 -7.53
CA ILE B 65 -7.69 -2.33 -8.82
C ILE B 65 -7.04 -3.64 -9.26
N GLU B 66 -5.73 -3.72 -9.11
CA GLU B 66 -4.99 -4.97 -9.41
C GLU B 66 -5.64 -6.15 -8.71
N VAL B 67 -5.72 -5.98 -7.39
CA VAL B 67 -6.21 -6.98 -6.44
C VAL B 67 -7.66 -7.39 -6.70
N GLY B 68 -8.47 -6.40 -7.06
CA GLY B 68 -9.87 -6.64 -7.33
C GLY B 68 -10.02 -7.45 -8.59
N ARG B 69 -9.17 -7.14 -9.56
CA ARG B 69 -9.20 -7.79 -10.87
C ARG B 69 -8.74 -9.21 -10.69
N GLU B 70 -7.52 -9.30 -10.18
CA GLU B 70 -6.86 -10.58 -9.92
C GLU B 70 -7.73 -11.56 -9.10
N ASN B 71 -8.69 -11.02 -8.36
CA ASN B 71 -9.62 -11.84 -7.56
C ASN B 71 -11.05 -11.71 -8.04
N ARG B 72 -11.18 -11.20 -9.27
CA ARG B 72 -12.46 -10.87 -9.88
C ARG B 72 -13.50 -10.21 -8.97
N GLU B 73 -13.05 -9.34 -8.07
CA GLU B 73 -13.99 -8.62 -7.19
C GLU B 73 -14.99 -7.75 -7.94
N ASP B 74 -15.99 -7.29 -7.19
CA ASP B 74 -17.09 -6.53 -7.77
C ASP B 74 -16.58 -5.35 -8.61
N TYR B 75 -17.24 -5.15 -9.73
CA TYR B 75 -16.96 -4.04 -10.64
C TYR B 75 -17.23 -2.68 -10.01
N ARG B 76 -18.26 -2.67 -9.17
CA ARG B 76 -18.65 -1.50 -8.38
C ARG B 76 -17.46 -0.91 -7.64
N MET B 77 -16.74 -1.77 -6.90
CA MET B 77 -15.59 -1.32 -6.10
C MET B 77 -14.41 -0.95 -6.99
N ILE B 78 -14.27 -1.63 -8.12
CA ILE B 78 -13.25 -1.26 -9.10
C ILE B 78 -13.65 0.13 -9.60
N ALA B 79 -14.93 0.31 -9.83
CA ALA B 79 -15.43 1.58 -10.36
C ALA B 79 -15.28 2.71 -9.34
N TYR B 80 -15.43 2.39 -8.06
CA TYR B 80 -15.20 3.37 -7.00
C TYR B 80 -13.73 3.76 -6.92
N ALA B 81 -12.86 2.76 -7.08
CA ALA B 81 -11.43 3.01 -7.14
C ALA B 81 -11.13 4.04 -8.22
N TYR B 82 -11.65 3.80 -9.42
CA TYR B 82 -11.45 4.74 -10.54
C TYR B 82 -11.98 6.12 -10.22
N ALA B 83 -13.13 6.15 -9.54
CA ALA B 83 -13.78 7.41 -9.16
C ALA B 83 -12.99 8.18 -8.10
N ARG B 84 -12.39 7.45 -7.18
CA ARG B 84 -11.57 8.07 -6.14
C ARG B 84 -10.40 8.78 -6.83
N ILE B 85 -9.80 8.09 -7.79
CA ILE B 85 -8.69 8.67 -8.57
C ILE B 85 -9.15 9.98 -9.22
N GLY B 86 -10.32 9.93 -9.83
CA GLY B 86 -10.87 11.08 -10.50
C GLY B 86 -11.02 12.24 -9.55
N ASN B 87 -11.55 11.93 -8.36
CA ASN B 87 -11.75 12.93 -7.31
C ASN B 87 -10.45 13.55 -6.86
N SER B 88 -9.38 12.76 -6.87
CA SER B 88 -8.06 13.28 -6.47
C SER B 88 -7.64 14.33 -7.50
N TYR B 89 -7.91 14.06 -8.77
CA TYR B 89 -7.54 14.97 -9.85
C TYR B 89 -8.37 16.23 -9.78
N PHE B 90 -9.66 16.02 -9.53
CA PHE B 90 -10.63 17.10 -9.46
C PHE B 90 -10.16 18.06 -8.38
N LYS B 91 -9.65 17.44 -7.33
CA LYS B 91 -9.26 18.13 -6.12
C LYS B 91 -8.06 19.02 -6.42
N GLU B 92 -7.16 18.49 -7.23
CA GLU B 92 -5.96 19.20 -7.73
C GLU B 92 -6.27 20.15 -8.89
N GLU B 93 -7.52 20.11 -9.33
CA GLU B 93 -8.02 20.85 -10.49
C GLU B 93 -7.41 20.39 -11.80
N LYS B 94 -7.03 19.13 -11.85
CA LYS B 94 -6.66 18.48 -13.10
C LYS B 94 -7.91 17.88 -13.71
N TYR B 95 -8.75 18.76 -14.24
CA TYR B 95 -10.14 18.38 -14.64
C TYR B 95 -10.17 17.37 -15.76
N LYS B 96 -9.36 17.61 -16.79
CA LYS B 96 -9.24 16.65 -17.88
C LYS B 96 -9.03 15.24 -17.33
N ASP B 97 -8.04 15.14 -16.45
CA ASP B 97 -7.67 13.85 -15.85
C ASP B 97 -8.80 13.28 -15.01
N ALA B 98 -9.51 14.14 -14.29
CA ALA B 98 -10.62 13.71 -13.45
C ALA B 98 -11.72 13.09 -14.32
N ILE B 99 -12.07 13.83 -15.35
CA ILE B 99 -13.07 13.37 -16.32
C ILE B 99 -12.67 12.02 -16.89
N HIS B 100 -11.44 11.96 -17.38
CA HIS B 100 -10.89 10.70 -17.91
C HIS B 100 -11.17 9.56 -16.96
N PHE B 101 -10.85 9.76 -15.68
CA PHE B 101 -11.01 8.67 -14.69
C PHE B 101 -12.47 8.39 -14.30
N TYR B 102 -13.27 9.45 -14.29
CA TYR B 102 -14.71 9.25 -14.18
C TYR B 102 -15.20 8.35 -15.32
N ASN B 103 -14.61 8.52 -16.50
CA ASN B 103 -15.07 7.75 -17.64
C ASN B 103 -14.78 6.25 -17.47
N LYS B 104 -13.59 5.97 -16.92
CA LYS B 104 -13.18 4.59 -16.70
C LYS B 104 -14.13 3.98 -15.68
N SER B 105 -14.49 4.81 -14.70
CA SER B 105 -15.41 4.39 -13.64
C SER B 105 -16.76 4.01 -14.23
N LEU B 106 -17.28 4.92 -15.03
CA LEU B 106 -18.61 4.78 -15.59
C LEU B 106 -18.64 3.62 -16.56
N ALA B 107 -17.47 3.29 -17.10
CA ALA B 107 -17.37 2.17 -18.05
C ALA B 107 -17.32 0.85 -17.28
N GLU B 108 -16.67 0.91 -16.13
CA GLU B 108 -16.50 -0.24 -15.23
C GLU B 108 -17.84 -0.61 -14.64
N HIS B 109 -18.42 0.35 -13.95
CA HIS B 109 -19.70 0.15 -13.27
C HIS B 109 -20.35 1.51 -13.10
N ARG B 110 -21.22 1.82 -14.05
CA ARG B 110 -21.89 3.11 -14.08
C ARG B 110 -22.71 3.29 -12.81
N THR B 111 -22.55 4.48 -12.24
CA THR B 111 -23.29 4.89 -11.05
C THR B 111 -23.76 6.33 -11.26
N PRO B 112 -24.93 6.69 -10.72
CA PRO B 112 -25.42 8.05 -10.91
C PRO B 112 -24.56 9.11 -10.22
N LYS B 113 -23.99 8.76 -9.07
CA LYS B 113 -23.18 9.73 -8.33
C LYS B 113 -22.00 10.16 -9.20
N VAL B 114 -21.35 9.19 -9.79
CA VAL B 114 -20.13 9.46 -10.53
C VAL B 114 -20.44 10.16 -11.84
N LEU B 115 -21.57 9.84 -12.45
CA LEU B 115 -21.88 10.46 -13.71
C LEU B 115 -22.10 11.94 -13.45
N LYS B 116 -22.76 12.22 -12.34
CA LYS B 116 -23.06 13.61 -11.92
C LYS B 116 -21.78 14.40 -11.60
N LYS B 117 -20.87 13.77 -10.89
CA LYS B 117 -19.57 14.38 -10.61
C LYS B 117 -18.87 14.68 -11.92
N CYS B 118 -18.97 13.75 -12.86
CA CYS B 118 -18.28 13.89 -14.14
C CYS B 118 -18.84 15.08 -14.88
N GLN B 119 -20.15 15.15 -14.90
CA GLN B 119 -20.83 16.29 -15.52
C GLN B 119 -20.39 17.63 -14.88
N GLN B 120 -20.29 17.68 -13.56
CA GLN B 120 -19.84 18.90 -12.90
C GLN B 120 -18.47 19.26 -13.41
N ALA B 121 -17.63 18.24 -13.58
CA ALA B 121 -16.23 18.49 -13.91
C ALA B 121 -16.14 19.04 -15.33
N GLU B 122 -17.04 18.55 -16.18
CA GLU B 122 -17.06 18.93 -17.60
C GLU B 122 -17.29 20.40 -17.74
N LYS B 123 -18.22 20.88 -16.95
CA LYS B 123 -18.59 22.29 -16.89
C LYS B 123 -17.38 23.12 -16.43
N ILE B 124 -16.78 22.71 -15.32
CA ILE B 124 -15.70 23.48 -14.73
C ILE B 124 -14.52 23.49 -15.67
N LEU B 125 -14.37 22.42 -16.43
CA LEU B 125 -13.18 22.30 -17.29
C LEU B 125 -13.25 23.33 -18.40
N LYS B 126 -14.48 23.51 -18.91
CA LYS B 126 -14.77 24.46 -19.99
C LYS B 126 -14.35 25.84 -19.57
N GLU B 127 -14.35 26.03 -18.26
CA GLU B 127 -14.18 27.35 -17.68
C GLU B 127 -12.72 27.59 -17.37
N GLN B 128 -11.95 26.53 -17.59
CA GLN B 128 -10.49 26.55 -17.44
C GLN B 128 -10.02 25.64 -16.30
C ACE C 1 14.65 -17.15 5.84
O ACE C 1 15.53 -18.00 5.84
CH3 ACE C 1 13.69 -17.00 4.70
N MET C 2 14.39 -16.51 6.97
CA MET C 2 13.48 -15.35 7.07
C MET C 2 14.10 -14.11 6.46
N GLU C 3 13.21 -13.22 6.07
CA GLU C 3 13.58 -11.88 5.63
C GLU C 3 14.36 -11.21 6.74
N GLU C 4 15.41 -10.51 6.36
CA GLU C 4 16.23 -9.77 7.34
C GLU C 4 15.53 -8.57 7.89
N VAL C 5 15.70 -8.38 9.18
CA VAL C 5 15.29 -7.15 9.85
C VAL C 5 16.53 -6.36 10.27
N PHE C 6 16.39 -5.05 10.25
CA PHE C 6 17.52 -4.16 10.48
C PHE C 6 17.31 -3.33 11.75
C ACE D 1 -16.65 15.96 2.38
O ACE D 1 -16.00 16.13 1.35
CH3 ACE D 1 -17.96 16.65 2.62
N MET D 2 -16.41 14.96 3.20
CA MET D 2 -15.24 14.10 3.05
C MET D 2 -15.44 13.02 1.98
N GLU D 3 -14.34 12.50 1.46
CA GLU D 3 -14.42 11.34 0.56
C GLU D 3 -15.25 10.23 1.18
N GLU D 4 -16.11 9.67 0.36
CA GLU D 4 -16.97 8.57 0.78
C GLU D 4 -16.18 7.33 1.14
N VAL D 5 -16.50 6.78 2.29
CA VAL D 5 -15.92 5.53 2.70
C VAL D 5 -17.02 4.46 2.69
N PHE D 6 -16.67 3.26 2.23
CA PHE D 6 -17.65 2.18 2.06
C PHE D 6 -17.50 1.09 3.09
NI NI E . 21.16 0.71 30.44
NI NI F . 7.73 -0.34 -12.56
NI NI G . -23.24 -3.89 -9.79
NI NI H . -7.76 0.39 17.64
#